data_3D8H
#
_entry.id   3D8H
#
_cell.length_a   52.248
_cell.length_b   158.365
_cell.length_c   140.249
_cell.angle_alpha   90.000
_cell.angle_beta   90.000
_cell.angle_gamma   90.000
#
_symmetry.space_group_name_H-M   'C 2 2 21'
#
loop_
_entity.id
_entity.type
_entity.pdbx_description
1 polymer 'Glycolytic phosphoglycerate mutase'
2 water water
#
_entity_poly.entity_id   1
_entity_poly.type   'polypeptide(L)'
_entity_poly.pdbx_seq_one_letter_code
;MGSSHHHHHHSSGLVPRGSTYKLTLIRHGESEWNKENRFTGWTDVSLSEQGVSEAIEAGRMLLEKGFKFDVVYTSVLKRA
IMTTWTVLKELGNINCPIINHWRLNERHYGALQGLNKSETASKFGEDQVKIWRRSFDVPPPVLEKSDPRWPGNELIYKGI
CPSCLPTTECLKDTVERVKPYFEDVIAPSIMSGKSVLVSAHGNSLRALLYLLEGMTPEQILEVNIPTACPLVLELDDYLK
VTKKYYLISEEELKAKMEAVANQGKAK
;
_entity_poly.pdbx_strand_id   A,B
#
# COMPACT_ATOMS: atom_id res chain seq x y z
N THR A 20 7.49 24.58 -13.78
CA THR A 20 6.80 23.66 -14.74
C THR A 20 6.35 22.36 -14.08
N TYR A 21 7.15 21.83 -13.15
CA TYR A 21 6.81 20.63 -12.41
C TYR A 21 6.76 20.87 -10.89
N LYS A 22 6.04 20.02 -10.17
CA LYS A 22 5.88 20.16 -8.73
C LYS A 22 6.03 18.84 -7.96
N LEU A 23 7.04 18.78 -7.11
CA LEU A 23 7.32 17.58 -6.33
C LEU A 23 7.28 17.86 -4.82
N THR A 24 6.54 17.04 -4.10
CA THR A 24 6.38 17.20 -2.66
C THR A 24 7.17 16.12 -1.92
N LEU A 25 7.97 16.54 -0.95
CA LEU A 25 8.74 15.63 -0.12
C LEU A 25 8.25 15.72 1.33
N ILE A 26 8.30 14.59 2.02
CA ILE A 26 8.05 14.58 3.46
C ILE A 26 8.87 13.50 4.15
N ARG A 27 9.47 13.89 5.28
CA ARG A 27 10.14 12.96 6.17
C ARG A 27 9.23 12.65 7.38
N HIS A 28 9.30 11.41 7.89
CA HIS A 28 8.43 10.97 8.98
C HIS A 28 8.73 11.69 10.30
N GLY A 29 7.77 11.69 11.20
CA GLY A 29 7.95 12.24 12.54
C GLY A 29 8.82 11.35 13.38
N GLU A 30 8.91 11.64 14.68
CA GLU A 30 9.83 10.90 15.55
C GLU A 30 9.46 9.42 15.69
N SER A 31 10.50 8.60 15.79
CA SER A 31 10.35 7.17 15.94
C SER A 31 10.55 6.80 17.40
N GLU A 32 10.30 5.53 17.74
CA GLU A 32 10.49 5.04 19.11
C GLU A 32 11.95 5.06 19.59
N TRP A 33 12.89 5.29 18.65
CA TRP A 33 14.33 5.33 18.95
C TRP A 33 14.92 6.75 18.93
N ASN A 34 14.18 7.71 18.40
CA ASN A 34 14.58 9.12 18.41
C ASN A 34 14.65 9.66 19.84
N LYS A 35 13.63 9.31 20.62
CA LYS A 35 13.60 9.65 22.04
C LYS A 35 14.71 8.92 22.80
N GLU A 36 14.93 7.65 22.44
CA GLU A 36 15.93 6.80 23.07
C GLU A 36 17.36 7.20 22.70
N ASN A 37 17.48 8.21 21.84
CA ASN A 37 18.77 8.71 21.36
C ASN A 37 19.61 7.62 20.66
N ARG A 38 18.93 6.75 19.91
CA ARG A 38 19.55 5.59 19.28
C ARG A 38 19.72 5.75 17.77
N PHE A 39 20.87 5.33 17.26
CA PHE A 39 21.08 5.24 15.81
C PHE A 39 20.19 4.17 15.20
N THR A 40 19.40 4.57 14.20
CA THR A 40 18.42 3.68 13.60
C THR A 40 18.90 3.11 12.25
N GLY A 41 19.08 3.98 11.27
CA GLY A 41 19.43 3.55 9.92
C GLY A 41 18.39 2.63 9.33
N TRP A 42 18.79 1.43 8.94
CA TRP A 42 17.86 0.48 8.30
C TRP A 42 17.08 -0.37 9.29
N THR A 43 17.39 -0.25 10.58
CA THR A 43 16.61 -0.93 11.60
C THR A 43 15.16 -0.51 11.37
N ASP A 44 14.28 -1.51 11.35
CA ASP A 44 12.91 -1.29 10.97
C ASP A 44 12.07 -1.03 12.22
N VAL A 45 12.21 0.19 12.74
CA VAL A 45 11.68 0.58 14.05
C VAL A 45 10.33 1.32 13.84
N SER A 46 9.46 1.34 14.84
CA SER A 46 8.15 2.00 14.73
C SER A 46 8.22 3.50 14.90
N LEU A 47 7.23 4.20 14.36
CA LEU A 47 6.94 5.58 14.75
C LEU A 47 6.55 5.60 16.23
N SER A 48 6.84 6.72 16.91
CA SER A 48 6.35 6.93 18.26
C SER A 48 4.92 7.42 18.16
N GLU A 49 4.22 7.49 19.29
CA GLU A 49 2.89 8.08 19.34
C GLU A 49 2.90 9.51 18.83
N GLN A 50 3.92 10.26 19.19
CA GLN A 50 4.08 11.63 18.70
C GLN A 50 4.35 11.67 17.19
N GLY A 51 5.10 10.68 16.68
CA GLY A 51 5.37 10.54 15.23
C GLY A 51 4.10 10.33 14.41
N VAL A 52 3.20 9.52 14.94
CA VAL A 52 1.86 9.35 14.34
C VAL A 52 1.06 10.68 14.32
N SER A 53 1.06 11.39 15.43
CA SER A 53 0.31 12.65 15.53
C SER A 53 0.89 13.72 14.58
N GLU A 54 2.22 13.70 14.41
CA GLU A 54 2.89 14.59 13.45
C GLU A 54 2.44 14.30 12.01
N ALA A 55 2.37 13.01 11.65
CA ALA A 55 1.82 12.58 10.35
C ALA A 55 0.38 13.05 10.14
N ILE A 56 -0.43 12.99 11.19
CA ILE A 56 -1.83 13.42 11.12
C ILE A 56 -1.91 14.92 10.84
N GLU A 57 -1.04 15.70 11.47
CA GLU A 57 -1.05 17.13 11.21
C GLU A 57 -0.50 17.46 9.83
N ALA A 58 0.54 16.76 9.39
CA ALA A 58 1.05 16.91 8.01
C ALA A 58 -0.06 16.65 6.98
N GLY A 59 -0.78 15.54 7.14
CA GLY A 59 -1.92 15.22 6.30
C GLY A 59 -2.95 16.35 6.23
N ARG A 60 -3.35 16.86 7.39
CA ARG A 60 -4.32 17.95 7.47
C ARG A 60 -3.80 19.25 6.85
N MET A 61 -2.52 19.55 7.04
CA MET A 61 -1.87 20.70 6.41
C MET A 61 -1.95 20.60 4.88
N LEU A 62 -1.67 19.41 4.36
CA LEU A 62 -1.75 19.14 2.93
C LEU A 62 -3.20 19.22 2.42
N LEU A 63 -4.15 18.71 3.20
CA LEU A 63 -5.58 18.82 2.84
C LEU A 63 -6.01 20.29 2.72
N GLU A 64 -5.68 21.10 3.73
CA GLU A 64 -5.98 22.53 3.75
C GLU A 64 -5.39 23.26 2.54
N LYS A 65 -4.18 22.85 2.13
CA LYS A 65 -3.49 23.48 1.01
C LYS A 65 -3.89 22.89 -0.36
N GLY A 66 -4.89 22.02 -0.36
CA GLY A 66 -5.51 21.54 -1.61
C GLY A 66 -4.70 20.53 -2.40
N PHE A 67 -3.90 19.73 -1.71
CA PHE A 67 -3.07 18.73 -2.35
C PHE A 67 -3.80 17.42 -2.57
N LYS A 68 -3.55 16.81 -3.73
CA LYS A 68 -4.02 15.46 -4.02
C LYS A 68 -2.98 14.75 -4.87
N PHE A 69 -2.59 13.57 -4.44
CA PHE A 69 -1.50 12.85 -5.08
C PHE A 69 -2.00 11.70 -5.94
N ASP A 70 -1.25 11.43 -7.01
CA ASP A 70 -1.53 10.38 -7.97
C ASP A 70 -0.70 9.13 -7.67
N VAL A 71 0.43 9.34 -7.00
CA VAL A 71 1.32 8.28 -6.55
C VAL A 71 2.14 8.77 -5.35
N VAL A 72 2.45 7.85 -4.44
CA VAL A 72 3.42 8.14 -3.39
C VAL A 72 4.57 7.15 -3.53
N TYR A 73 5.79 7.68 -3.48
CA TYR A 73 6.99 6.84 -3.37
C TYR A 73 7.51 6.85 -1.94
N THR A 74 7.75 5.68 -1.40
CA THR A 74 8.22 5.57 -0.05
C THR A 74 9.29 4.47 0.05
N SER A 75 9.82 4.26 1.24
CA SER A 75 10.85 3.24 1.47
C SER A 75 10.21 1.91 1.85
N VAL A 76 11.02 0.93 2.26
CA VAL A 76 10.49 -0.34 2.78
C VAL A 76 10.48 -0.37 4.32
N LEU A 77 10.75 0.79 4.92
CA LEU A 77 10.80 0.89 6.38
C LEU A 77 9.46 1.33 6.91
N LYS A 78 8.90 0.51 7.81
CA LYS A 78 7.52 0.71 8.26
C LYS A 78 7.18 2.10 8.80
N ARG A 79 8.16 2.79 9.38
CA ARG A 79 7.91 4.14 9.92
C ARG A 79 7.55 5.17 8.86
N ALA A 80 8.11 5.00 7.66
CA ALA A 80 7.77 5.88 6.53
C ALA A 80 6.49 5.42 5.87
N ILE A 81 6.30 4.12 5.78
CA ILE A 81 5.07 3.58 5.20
C ILE A 81 3.85 3.97 6.05
N MET A 82 3.97 3.82 7.38
CA MET A 82 2.90 4.23 8.28
C MET A 82 2.62 5.74 8.20
N THR A 83 3.68 6.54 8.10
CA THR A 83 3.55 7.98 7.85
C THR A 83 2.71 8.25 6.60
N THR A 84 3.02 7.51 5.53
CA THR A 84 2.32 7.65 4.26
C THR A 84 0.83 7.31 4.39
N TRP A 85 0.55 6.16 5.00
CA TRP A 85 -0.82 5.70 5.20
C TRP A 85 -1.62 6.74 6.01
N THR A 86 -0.97 7.31 7.03
CA THR A 86 -1.60 8.29 7.92
C THR A 86 -1.91 9.58 7.19
N VAL A 87 -0.95 10.07 6.40
CA VAL A 87 -1.14 11.27 5.60
C VAL A 87 -2.28 11.08 4.58
N LEU A 88 -2.29 9.94 3.90
CA LEU A 88 -3.32 9.65 2.89
C LEU A 88 -4.74 9.56 3.49
N LYS A 89 -4.86 8.95 4.66
CA LYS A 89 -6.12 8.96 5.40
C LYS A 89 -6.62 10.38 5.62
N GLU A 90 -5.75 11.27 6.12
CA GLU A 90 -6.11 12.66 6.40
C GLU A 90 -6.43 13.44 5.12
N LEU A 91 -5.79 13.04 4.03
CA LEU A 91 -6.08 13.62 2.73
C LEU A 91 -7.37 13.09 2.08
N GLY A 92 -7.98 12.05 2.67
CA GLY A 92 -9.09 11.35 2.02
C GLY A 92 -8.68 10.84 0.63
N ASN A 93 -7.53 10.18 0.58
CA ASN A 93 -6.84 9.84 -0.66
C ASN A 93 -6.21 8.48 -0.44
N ILE A 94 -6.85 7.62 0.36
CA ILE A 94 -6.22 6.32 0.64
C ILE A 94 -6.17 5.40 -0.59
N ASN A 95 -6.93 5.75 -1.63
CA ASN A 95 -6.91 5.04 -2.90
C ASN A 95 -5.61 5.30 -3.68
N CYS A 96 -4.82 6.29 -3.24
CA CYS A 96 -3.58 6.64 -3.91
C CYS A 96 -2.59 5.48 -3.92
N PRO A 97 -2.11 5.11 -5.13
CA PRO A 97 -1.09 4.07 -5.25
C PRO A 97 0.18 4.39 -4.47
N ILE A 98 0.69 3.40 -3.75
CA ILE A 98 1.92 3.59 -3.01
C ILE A 98 2.93 2.59 -3.51
N ILE A 99 4.12 3.09 -3.81
CA ILE A 99 5.23 2.23 -4.22
C ILE A 99 6.36 2.34 -3.21
N ASN A 100 6.71 1.22 -2.57
CA ASN A 100 7.82 1.13 -1.63
C ASN A 100 9.09 0.66 -2.35
N HIS A 101 10.24 1.18 -1.95
CA HIS A 101 11.53 0.72 -2.49
C HIS A 101 12.66 1.02 -1.55
N TRP A 102 13.57 0.06 -1.39
CA TRP A 102 14.73 0.20 -0.48
C TRP A 102 15.62 1.38 -0.83
N ARG A 103 15.62 1.80 -2.09
CA ARG A 103 16.45 2.93 -2.52
C ARG A 103 16.05 4.26 -1.86
N LEU A 104 14.88 4.30 -1.24
CA LEU A 104 14.45 5.47 -0.46
C LEU A 104 14.67 5.30 1.05
N ASN A 105 15.27 4.17 1.44
CA ASN A 105 15.62 3.91 2.83
C ASN A 105 16.54 4.96 3.39
N GLU A 106 16.37 5.21 4.69
CA GLU A 106 17.32 5.99 5.46
C GLU A 106 18.73 5.45 5.22
N ARG A 107 19.74 6.32 5.31
CA ARG A 107 21.14 5.91 5.25
C ARG A 107 21.44 4.81 6.25
N HIS A 108 22.18 3.78 5.82
CA HIS A 108 22.56 2.68 6.71
C HIS A 108 23.67 3.14 7.65
N TYR A 109 23.62 2.72 8.91
CA TYR A 109 24.57 3.22 9.93
C TYR A 109 25.58 2.19 10.41
N GLY A 110 25.62 1.04 9.74
CA GLY A 110 26.58 -0.02 10.05
C GLY A 110 26.50 -0.52 11.48
N ALA A 111 27.67 -0.61 12.11
CA ALA A 111 27.78 -1.10 13.50
C ALA A 111 27.15 -0.17 14.54
N LEU A 112 26.89 1.09 14.16
CA LEU A 112 26.25 2.06 15.05
C LEU A 112 24.78 1.74 15.31
N GLN A 113 24.16 0.97 14.42
CA GLN A 113 22.74 0.63 14.52
C GLN A 113 22.36 -0.09 15.82
N GLY A 114 21.34 0.45 16.49
CA GLY A 114 20.82 -0.15 17.73
C GLY A 114 21.50 0.32 19.01
N LEU A 115 22.45 1.24 18.88
CA LEU A 115 23.28 1.68 19.98
C LEU A 115 22.95 3.11 20.43
N ASN A 116 23.05 3.32 21.74
CA ASN A 116 22.93 4.65 22.34
C ASN A 116 24.07 5.56 21.89
N LYS A 117 23.77 6.87 21.88
CA LYS A 117 24.80 7.89 21.79
C LYS A 117 25.92 7.61 22.83
N SER A 118 25.51 7.11 23.98
CA SER A 118 26.42 6.72 25.06
C SER A 118 27.10 5.38 24.82
N GLU A 119 26.38 4.43 24.23
CA GLU A 119 26.92 3.08 23.99
C GLU A 119 27.94 3.06 22.85
N THR A 120 27.77 3.96 21.88
CA THR A 120 28.71 4.14 20.78
C THR A 120 29.98 4.83 21.26
N ALA A 121 29.81 5.75 22.21
CA ALA A 121 30.92 6.46 22.84
C ALA A 121 31.82 5.51 23.64
N SER A 122 31.23 4.41 24.12
CA SER A 122 31.92 3.42 24.93
C SER A 122 32.69 2.40 24.08
N LYS A 123 32.00 1.77 23.14
CA LYS A 123 32.58 0.74 22.27
C LYS A 123 33.54 1.32 21.22
N PHE A 124 33.17 2.48 20.68
CA PHE A 124 33.95 3.16 19.65
C PHE A 124 34.41 4.52 20.16
N GLY A 125 35.23 5.22 19.38
CA GLY A 125 35.67 6.57 19.74
C GLY A 125 34.52 7.54 19.74
N GLU A 126 34.34 8.24 20.86
CA GLU A 126 33.26 9.22 20.99
C GLU A 126 33.35 10.31 19.91
N ASP A 127 34.56 10.65 19.53
CA ASP A 127 34.82 11.66 18.51
C ASP A 127 34.68 11.13 17.07
N GLN A 128 35.13 9.90 16.83
CA GLN A 128 35.03 9.29 15.49
C GLN A 128 33.62 8.81 15.13
N VAL A 129 32.77 8.64 16.14
CA VAL A 129 31.34 8.42 15.92
C VAL A 129 30.73 9.71 15.35
N LYS A 130 31.13 10.85 15.91
CA LYS A 130 30.66 12.15 15.47
C LYS A 130 31.20 12.48 14.07
N ILE A 131 32.32 11.86 13.70
CA ILE A 131 32.83 11.92 12.33
C ILE A 131 31.86 11.17 11.38
N TRP A 132 31.45 9.98 11.79
CA TRP A 132 30.58 9.12 10.98
C TRP A 132 29.18 9.71 10.73
N ARG A 133 28.74 10.63 11.60
CA ARG A 133 27.43 11.25 11.47
C ARG A 133 27.49 12.57 10.70
N ARG A 134 28.64 13.27 10.84
CA ARG A 134 28.79 14.61 10.27
C ARG A 134 29.58 14.64 8.96
N SER A 135 29.95 13.46 8.46
CA SER A 135 30.76 13.38 7.24
C SER A 135 29.97 12.91 6.01
N PHE A 136 30.48 13.30 4.84
CA PHE A 136 29.90 12.93 3.54
C PHE A 136 30.47 11.61 3.03
N ASP A 137 31.77 11.36 3.34
CA ASP A 137 32.48 10.25 2.68
C ASP A 137 33.08 9.16 3.58
N VAL A 138 32.80 9.22 4.89
CA VAL A 138 33.37 8.23 5.83
C VAL A 138 32.27 7.40 6.50
N PRO A 139 32.24 6.08 6.23
CA PRO A 139 31.22 5.16 6.75
C PRO A 139 31.57 4.53 8.09
N PRO A 140 30.54 4.18 8.90
CA PRO A 140 30.74 3.42 10.14
C PRO A 140 31.22 1.99 9.88
N PRO A 141 31.66 1.26 10.92
CA PRO A 141 32.10 -0.12 10.73
C PRO A 141 31.06 -1.06 10.15
N VAL A 142 31.55 -2.11 9.52
CA VAL A 142 30.79 -3.10 8.79
C VAL A 142 30.16 -4.15 9.73
N LEU A 143 28.98 -4.64 9.36
CA LEU A 143 28.36 -5.78 10.03
C LEU A 143 28.78 -7.09 9.36
N GLU A 144 29.03 -8.13 10.16
CA GLU A 144 29.23 -9.47 9.62
C GLU A 144 27.88 -10.04 9.19
N LYS A 145 27.88 -10.96 8.22
CA LYS A 145 26.65 -11.55 7.70
C LYS A 145 25.91 -12.41 8.73
N SER A 146 26.65 -12.94 9.70
CA SER A 146 26.10 -13.73 10.79
C SER A 146 25.34 -12.88 11.81
N ASP A 147 25.73 -11.61 11.93
CA ASP A 147 25.08 -10.64 12.82
C ASP A 147 23.64 -10.38 12.35
N PRO A 148 22.65 -10.67 13.23
CA PRO A 148 21.22 -10.43 12.98
C PRO A 148 20.88 -9.10 12.29
N ARG A 149 21.64 -8.05 12.60
CA ARG A 149 21.40 -6.69 12.08
C ARG A 149 21.53 -6.59 10.57
N TRP A 150 22.44 -7.36 10.00
CA TRP A 150 22.69 -7.41 8.54
C TRP A 150 21.40 -7.65 7.75
N PRO A 151 21.09 -6.73 6.80
CA PRO A 151 19.83 -6.71 6.04
C PRO A 151 19.45 -8.01 5.33
N GLY A 152 20.45 -8.84 5.02
CA GLY A 152 20.20 -10.13 4.38
C GLY A 152 19.60 -11.18 5.29
N ASN A 153 19.19 -10.77 6.49
CA ASN A 153 18.51 -11.65 7.43
C ASN A 153 17.01 -11.41 7.46
N GLU A 154 16.61 -10.20 7.09
CA GLU A 154 15.21 -9.81 7.08
C GLU A 154 14.52 -10.32 5.82
N LEU A 155 13.30 -10.82 6.00
CA LEU A 155 12.48 -11.35 4.89
C LEU A 155 12.05 -10.26 3.91
N ILE A 156 12.18 -9.00 4.33
CA ILE A 156 11.81 -7.84 3.53
C ILE A 156 12.70 -7.72 2.28
N TYR A 157 13.97 -8.10 2.43
CA TYR A 157 14.96 -7.99 1.34
C TYR A 157 15.23 -9.32 0.65
N LYS A 158 14.28 -10.25 0.75
CA LYS A 158 14.50 -11.65 0.36
C LYS A 158 15.00 -11.89 -1.08
N GLY A 159 14.39 -11.20 -2.05
CA GLY A 159 14.71 -11.42 -3.47
C GLY A 159 15.54 -10.33 -4.11
N ILE A 160 16.26 -9.57 -3.30
CA ILE A 160 17.06 -8.45 -3.77
C ILE A 160 18.50 -8.84 -4.03
N CYS A 161 19.07 -8.27 -5.10
CA CYS A 161 20.47 -8.47 -5.45
C CYS A 161 21.36 -8.23 -4.23
N PRO A 162 22.07 -9.28 -3.76
CA PRO A 162 22.87 -9.25 -2.53
C PRO A 162 23.81 -8.06 -2.42
N SER A 163 24.40 -7.66 -3.55
CA SER A 163 25.35 -6.55 -3.63
C SER A 163 24.74 -5.21 -3.22
N CYS A 164 23.42 -5.09 -3.33
CA CYS A 164 22.68 -3.90 -2.90
C CYS A 164 22.61 -3.74 -1.39
N LEU A 165 22.50 -4.86 -0.68
CA LEU A 165 22.29 -4.85 0.76
C LEU A 165 23.57 -4.46 1.51
N PRO A 166 23.61 -3.25 2.08
CA PRO A 166 24.81 -2.70 2.69
C PRO A 166 25.16 -3.38 4.00
N THR A 167 26.45 -3.32 4.34
CA THR A 167 26.91 -3.66 5.69
C THR A 167 27.06 -2.35 6.45
N THR A 168 27.33 -1.29 5.69
CA THR A 168 27.45 0.08 6.21
C THR A 168 27.25 1.06 5.05
N GLU A 169 26.99 2.32 5.40
CA GLU A 169 26.81 3.38 4.41
CA GLU A 169 26.82 3.38 4.40
C GLU A 169 27.25 4.74 4.94
N CYS A 170 27.85 5.53 4.07
CA CYS A 170 28.09 6.95 4.33
C CYS A 170 27.06 7.70 3.50
N LEU A 171 27.04 9.03 3.60
CA LEU A 171 26.08 9.82 2.81
C LEU A 171 26.32 9.72 1.31
N LYS A 172 27.59 9.57 0.93
CA LYS A 172 27.96 9.40 -0.48
C LYS A 172 27.31 8.13 -1.05
N ASP A 173 27.39 7.04 -0.29
CA ASP A 173 26.77 5.77 -0.68
C ASP A 173 25.25 5.89 -0.86
N THR A 174 24.62 6.73 -0.04
CA THR A 174 23.16 6.91 -0.08
C THR A 174 22.71 7.67 -1.33
N VAL A 175 23.34 8.80 -1.62
CA VAL A 175 23.08 9.57 -2.83
C VAL A 175 23.27 8.74 -4.11
N GLU A 176 24.22 7.81 -4.07
CA GLU A 176 24.55 7.01 -5.24
C GLU A 176 23.53 5.90 -5.52
N ARG A 177 22.81 5.46 -4.48
CA ARG A 177 21.73 4.50 -4.69
C ARG A 177 20.34 5.14 -4.80
N VAL A 178 20.22 6.40 -4.35
CA VAL A 178 18.97 7.14 -4.54
C VAL A 178 18.86 7.62 -5.99
N LYS A 179 20.00 8.08 -6.54
CA LYS A 179 20.07 8.72 -7.86
C LYS A 179 19.37 7.98 -9.02
N PRO A 180 19.67 6.68 -9.23
CA PRO A 180 19.00 6.00 -10.34
C PRO A 180 17.52 5.74 -10.09
N TYR A 181 17.11 5.72 -8.81
CA TYR A 181 15.71 5.58 -8.48
C TYR A 181 14.96 6.84 -8.91
N PHE A 182 15.52 8.02 -8.63
CA PHE A 182 14.91 9.24 -9.16
C PHE A 182 14.90 9.23 -10.69
N GLU A 183 16.04 8.93 -11.30
CA GLU A 183 16.19 8.93 -12.75
C GLU A 183 15.20 8.03 -13.49
N ASP A 184 15.08 6.78 -13.06
CA ASP A 184 14.31 5.78 -13.79
C ASP A 184 12.88 5.58 -13.32
N VAL A 185 12.56 6.06 -12.11
CA VAL A 185 11.24 5.78 -11.52
C VAL A 185 10.43 7.04 -11.19
N ILE A 186 10.99 7.91 -10.37
CA ILE A 186 10.26 9.11 -9.92
C ILE A 186 10.15 10.15 -11.03
N ALA A 187 11.29 10.44 -11.67
CA ALA A 187 11.33 11.35 -12.83
C ALA A 187 10.28 11.06 -13.93
N PRO A 188 10.18 9.80 -14.44
CA PRO A 188 9.11 9.49 -15.40
C PRO A 188 7.70 9.80 -14.91
N SER A 189 7.41 9.56 -13.62
CA SER A 189 6.11 9.89 -13.05
C SER A 189 5.86 11.38 -13.09
N ILE A 190 6.85 12.15 -12.64
CA ILE A 190 6.79 13.59 -12.68
C ILE A 190 6.50 14.07 -14.11
N MET A 191 7.27 13.56 -15.06
CA MET A 191 7.18 14.00 -16.46
C MET A 191 5.85 13.66 -17.09
N SER A 192 5.23 12.56 -16.64
CA SER A 192 3.92 12.15 -17.13
C SER A 192 2.76 13.04 -16.66
N GLY A 193 3.03 13.96 -15.75
CA GLY A 193 2.02 14.90 -15.26
C GLY A 193 1.37 14.50 -13.95
N LYS A 194 1.88 13.43 -13.33
CA LYS A 194 1.36 12.97 -12.05
C LYS A 194 1.74 13.89 -10.89
N SER A 195 0.86 13.94 -9.90
CA SER A 195 1.12 14.62 -8.65
C SER A 195 1.83 13.62 -7.72
N VAL A 196 3.12 13.87 -7.48
CA VAL A 196 3.97 12.93 -6.77
C VAL A 196 4.34 13.42 -5.35
N LEU A 197 4.16 12.54 -4.38
CA LEU A 197 4.74 12.72 -3.06
C LEU A 197 5.84 11.69 -2.83
N VAL A 198 6.95 12.13 -2.26
CA VAL A 198 7.99 11.21 -1.79
C VAL A 198 7.99 11.24 -0.25
N SER A 199 7.64 10.10 0.35
CA SER A 199 7.56 9.97 1.81
C SER A 199 8.69 9.07 2.31
N ALA A 200 9.71 9.68 2.90
CA ALA A 200 10.94 8.95 3.19
C ALA A 200 11.61 9.41 4.49
N HIS A 201 12.94 9.53 4.47
CA HIS A 201 13.73 9.78 5.67
C HIS A 201 14.69 10.91 5.43
N GLY A 202 15.30 11.40 6.52
CA GLY A 202 16.26 12.51 6.49
C GLY A 202 17.33 12.42 5.41
N ASN A 203 18.09 11.32 5.41
CA ASN A 203 19.20 11.16 4.47
C ASN A 203 18.80 10.88 3.02
N SER A 204 17.73 10.11 2.81
CA SER A 204 17.21 9.88 1.45
C SER A 204 16.69 11.17 0.83
N LEU A 205 16.02 11.99 1.64
CA LEU A 205 15.48 13.27 1.15
C LEU A 205 16.59 14.28 0.87
N ARG A 206 17.63 14.29 1.71
CA ARG A 206 18.79 15.14 1.48
C ARG A 206 19.55 14.71 0.22
N ALA A 207 19.61 13.39 -0.01
CA ALA A 207 20.16 12.85 -1.25
C ALA A 207 19.41 13.41 -2.47
N LEU A 208 18.08 13.41 -2.42
CA LEU A 208 17.26 14.02 -3.48
C LEU A 208 17.52 15.51 -3.68
N LEU A 209 17.63 16.25 -2.57
CA LEU A 209 17.94 17.68 -2.63
C LEU A 209 19.30 17.95 -3.27
N TYR A 210 20.30 17.19 -2.82
CA TYR A 210 21.66 17.28 -3.33
C TYR A 210 21.66 17.11 -4.86
N LEU A 211 20.91 16.13 -5.33
CA LEU A 211 20.78 15.83 -6.75
C LEU A 211 19.96 16.88 -7.50
N LEU A 212 18.79 17.22 -6.99
CA LEU A 212 17.86 18.12 -7.70
C LEU A 212 18.28 19.59 -7.70
N GLU A 213 19.05 20.00 -6.69
CA GLU A 213 19.52 21.38 -6.61
C GLU A 213 20.94 21.53 -7.17
N GLY A 214 21.63 20.40 -7.32
CA GLY A 214 22.98 20.39 -7.86
C GLY A 214 23.95 20.94 -6.84
N MET A 215 24.00 20.28 -5.68
CA MET A 215 24.80 20.75 -4.54
C MET A 215 26.19 20.17 -4.51
N THR A 216 27.06 20.81 -3.72
CA THR A 216 28.39 20.29 -3.41
C THR A 216 28.26 19.39 -2.17
N PRO A 217 29.26 18.52 -1.92
CA PRO A 217 29.22 17.70 -0.69
C PRO A 217 29.14 18.51 0.61
N GLU A 218 29.85 19.64 0.68
CA GLU A 218 29.79 20.51 1.87
C GLU A 218 28.46 21.27 2.00
N GLN A 219 27.76 21.45 0.87
CA GLN A 219 26.50 22.20 0.81
C GLN A 219 25.35 21.40 1.43
N ILE A 220 25.33 20.09 1.18
CA ILE A 220 24.29 19.22 1.71
C ILE A 220 24.49 18.91 3.19
N LEU A 221 25.72 19.02 3.66
CA LEU A 221 26.01 18.85 5.08
C LEU A 221 25.44 19.99 5.94
N GLU A 222 25.11 21.11 5.30
CA GLU A 222 24.53 22.27 5.98
C GLU A 222 22.99 22.26 5.99
N VAL A 223 22.40 21.21 5.42
CA VAL A 223 20.94 21.13 5.22
C VAL A 223 20.26 20.27 6.30
N ASN A 224 19.27 20.87 6.97
CA ASN A 224 18.44 20.14 7.93
C ASN A 224 16.98 20.11 7.47
N ILE A 225 16.44 18.90 7.34
CA ILE A 225 15.02 18.77 6.98
C ILE A 225 14.22 18.49 8.24
N PRO A 226 13.26 19.39 8.58
CA PRO A 226 12.36 19.23 9.72
C PRO A 226 11.39 18.06 9.55
N THR A 227 11.02 17.43 10.66
CA THR A 227 10.23 16.19 10.63
C THR A 227 8.76 16.45 10.31
N ALA A 228 8.18 15.58 9.51
CA ALA A 228 6.75 15.61 9.17
C ALA A 228 6.31 17.00 8.72
N CYS A 229 7.16 17.62 7.90
CA CYS A 229 6.92 18.97 7.40
C CYS A 229 7.09 18.95 5.89
N PRO A 230 5.98 19.05 5.15
CA PRO A 230 6.01 18.92 3.68
C PRO A 230 6.82 20.03 3.01
N LEU A 231 7.76 19.61 2.16
CA LEU A 231 8.60 20.49 1.37
C LEU A 231 8.19 20.39 -0.09
N VAL A 232 7.82 21.53 -0.68
CA VAL A 232 7.43 21.59 -2.09
C VAL A 232 8.60 22.09 -2.95
N LEU A 233 8.95 21.30 -3.96
CA LEU A 233 9.96 21.69 -4.94
C LEU A 233 9.28 22.00 -6.26
N GLU A 234 9.51 23.21 -6.77
CA GLU A 234 9.15 23.56 -8.14
C GLU A 234 10.34 23.25 -9.04
N LEU A 235 10.08 22.56 -10.15
CA LEU A 235 11.15 22.03 -11.00
C LEU A 235 11.19 22.57 -12.44
N ASP A 236 12.38 22.52 -13.04
CA ASP A 236 12.63 22.84 -14.45
C ASP A 236 11.99 21.86 -15.43
N ASP A 237 12.13 22.16 -16.72
CA ASP A 237 11.96 21.17 -17.79
C ASP A 237 13.03 20.08 -17.64
N TYR A 238 14.19 20.48 -17.11
CA TYR A 238 15.32 19.57 -16.87
C TYR A 238 15.23 18.87 -15.51
N LEU A 239 14.17 19.14 -14.76
CA LEU A 239 13.94 18.58 -13.42
C LEU A 239 14.97 19.04 -12.39
N LYS A 240 15.28 20.33 -12.43
CA LYS A 240 16.16 20.96 -11.46
C LYS A 240 15.34 21.98 -10.68
N VAL A 241 15.59 22.06 -9.38
CA VAL A 241 14.84 22.95 -8.49
C VAL A 241 14.98 24.43 -8.92
N THR A 242 13.85 25.05 -9.21
CA THR A 242 13.80 26.51 -9.43
C THR A 242 13.49 27.23 -8.11
N LYS A 243 12.57 26.67 -7.32
CA LYS A 243 12.27 27.17 -5.97
C LYS A 243 11.76 26.08 -5.01
N LYS A 244 11.90 26.34 -3.72
CA LYS A 244 11.44 25.41 -2.68
C LYS A 244 10.90 26.12 -1.42
N TYR A 245 9.87 25.52 -0.82
CA TYR A 245 9.23 26.08 0.37
C TYR A 245 8.55 25.00 1.22
N TYR A 246 8.44 25.26 2.51
CA TYR A 246 7.74 24.36 3.41
C TYR A 246 6.30 24.80 3.61
N LEU A 247 5.41 23.83 3.87
CA LEU A 247 4.04 24.14 4.23
C LEU A 247 3.95 24.34 5.73
N ILE A 248 4.27 25.56 6.16
CA ILE A 248 4.33 25.94 7.57
C ILE A 248 4.17 27.45 7.69
N PRO B 16 1.22 -29.43 0.47
CA PRO B 16 1.23 -30.89 0.61
C PRO B 16 1.12 -31.59 -0.75
N ARG B 17 1.26 -32.91 -0.75
CA ARG B 17 1.24 -33.72 -1.97
C ARG B 17 -0.08 -33.54 -2.73
N GLY B 18 0.02 -33.16 -4.00
CA GLY B 18 -1.16 -32.98 -4.86
C GLY B 18 -1.46 -31.54 -5.23
N SER B 19 -1.08 -30.63 -4.35
CA SER B 19 -1.10 -29.20 -4.64
C SER B 19 0.34 -28.68 -4.67
N THR B 20 0.52 -27.47 -5.20
CA THR B 20 1.86 -26.86 -5.29
C THR B 20 1.93 -25.42 -4.82
N TYR B 21 0.79 -24.72 -4.82
CA TYR B 21 0.74 -23.31 -4.40
C TYR B 21 -0.30 -23.05 -3.31
N LYS B 22 -0.16 -21.93 -2.62
CA LYS B 22 -1.15 -21.48 -1.63
C LYS B 22 -1.54 -20.03 -1.88
N LEU B 23 -2.84 -19.77 -1.95
CA LEU B 23 -3.34 -18.41 -2.18
C LEU B 23 -4.37 -18.08 -1.10
N THR B 24 -4.27 -16.88 -0.54
CA THR B 24 -5.18 -16.45 0.53
C THR B 24 -6.12 -15.34 0.05
N LEU B 25 -7.40 -15.51 0.37
CA LEU B 25 -8.42 -14.52 0.03
C LEU B 25 -9.07 -14.00 1.31
N ILE B 26 -9.42 -12.72 1.30
CA ILE B 26 -10.22 -12.13 2.37
C ILE B 26 -11.14 -11.05 1.80
N ARG B 27 -12.41 -11.07 2.18
CA ARG B 27 -13.28 -9.94 1.89
C ARG B 27 -13.36 -9.07 3.16
N HIS B 28 -13.62 -7.78 2.95
CA HIS B 28 -13.63 -6.85 4.07
C HIS B 28 -14.82 -7.09 5.00
N GLY B 29 -14.74 -6.52 6.20
CA GLY B 29 -15.85 -6.58 7.15
C GLY B 29 -16.85 -5.48 6.86
N GLU B 30 -17.73 -5.18 7.82
CA GLU B 30 -18.85 -4.32 7.51
C GLU B 30 -18.46 -2.89 7.18
N SER B 31 -19.06 -2.38 6.11
CA SER B 31 -18.93 -1.00 5.73
C SER B 31 -20.10 -0.21 6.29
N GLU B 32 -20.05 1.11 6.11
CA GLU B 32 -21.14 1.98 6.56
CA GLU B 32 -21.14 1.99 6.56
C GLU B 32 -22.46 1.69 5.83
N TRP B 33 -22.36 1.22 4.60
CA TRP B 33 -23.58 0.93 3.85
C TRP B 33 -24.16 -0.45 4.13
N ASN B 34 -23.32 -1.38 4.59
CA ASN B 34 -23.81 -2.64 5.14
C ASN B 34 -24.74 -2.35 6.34
N LYS B 35 -24.27 -1.50 7.25
CA LYS B 35 -25.03 -1.01 8.40
C LYS B 35 -26.37 -0.39 8.01
N GLU B 36 -26.35 0.40 6.94
CA GLU B 36 -27.54 1.05 6.39
C GLU B 36 -28.29 0.14 5.41
N ASN B 37 -27.81 -1.08 5.24
CA ASN B 37 -28.47 -2.07 4.39
C ASN B 37 -28.74 -1.48 2.99
N ARG B 38 -27.71 -0.86 2.41
CA ARG B 38 -27.80 -0.29 1.06
C ARG B 38 -26.94 -1.07 0.08
N PHE B 39 -27.41 -1.15 -1.17
CA PHE B 39 -26.58 -1.71 -2.26
C PHE B 39 -25.40 -0.77 -2.52
N THR B 40 -24.20 -1.31 -2.48
CA THR B 40 -22.97 -0.51 -2.59
C THR B 40 -22.30 -0.58 -3.97
N GLY B 41 -21.91 -1.78 -4.40
CA GLY B 41 -21.17 -1.94 -5.66
C GLY B 41 -19.89 -1.13 -5.67
N TRP B 42 -19.73 -0.24 -6.65
CA TRP B 42 -18.50 0.56 -6.77
C TRP B 42 -18.49 1.82 -5.93
N THR B 43 -19.59 2.11 -5.25
CA THR B 43 -19.63 3.26 -4.36
C THR B 43 -18.48 3.14 -3.38
N ASP B 44 -17.71 4.20 -3.25
CA ASP B 44 -16.49 4.13 -2.48
C ASP B 44 -16.77 4.48 -1.01
N VAL B 45 -17.45 3.58 -0.30
CA VAL B 45 -17.84 3.83 1.11
C VAL B 45 -16.79 3.35 2.11
N SER B 46 -16.84 3.93 3.31
CA SER B 46 -15.90 3.58 4.36
C SER B 46 -16.33 2.29 5.04
N LEU B 47 -15.35 1.59 5.62
CA LEU B 47 -15.64 0.60 6.66
C LEU B 47 -16.30 1.29 7.85
N SER B 48 -17.13 0.56 8.58
CA SER B 48 -17.63 1.04 9.87
C SER B 48 -16.53 0.76 10.88
N GLU B 49 -16.71 1.22 12.12
CA GLU B 49 -15.76 0.87 13.17
C GLU B 49 -15.76 -0.62 13.45
N GLN B 50 -16.92 -1.25 13.30
CA GLN B 50 -16.99 -2.70 13.44
C GLN B 50 -16.15 -3.38 12.35
N GLY B 51 -16.23 -2.89 11.12
CA GLY B 51 -15.47 -3.44 9.99
C GLY B 51 -13.97 -3.32 10.17
N VAL B 52 -13.53 -2.21 10.75
CA VAL B 52 -12.12 -2.04 11.16
C VAL B 52 -11.73 -3.07 12.22
N SER B 53 -12.59 -3.24 13.21
CA SER B 53 -12.35 -4.21 14.25
C SER B 53 -12.26 -5.64 13.69
N GLU B 54 -13.12 -5.96 12.73
CA GLU B 54 -13.12 -7.27 12.09
C GLU B 54 -11.82 -7.52 11.33
N ALA B 55 -11.31 -6.48 10.66
CA ALA B 55 -9.99 -6.50 10.01
C ALA B 55 -8.87 -6.78 11.01
N ILE B 56 -8.96 -6.15 12.19
CA ILE B 56 -7.98 -6.36 13.26
C ILE B 56 -7.98 -7.82 13.71
N GLU B 57 -9.16 -8.39 13.90
CA GLU B 57 -9.35 -9.79 14.27
CA GLU B 57 -9.26 -9.78 14.30
C GLU B 57 -8.73 -10.73 13.21
N ALA B 58 -9.00 -10.42 11.94
CA ALA B 58 -8.46 -11.19 10.82
C ALA B 58 -6.93 -11.20 10.82
N GLY B 59 -6.33 -10.02 11.00
CA GLY B 59 -4.89 -9.87 11.08
C GLY B 59 -4.30 -10.73 12.19
N ARG B 60 -4.88 -10.61 13.38
CA ARG B 60 -4.46 -11.39 14.55
C ARG B 60 -4.56 -12.90 14.32
N MET B 61 -5.62 -13.33 13.64
CA MET B 61 -5.80 -14.74 13.29
C MET B 61 -4.66 -15.21 12.38
N LEU B 62 -4.40 -14.43 11.33
CA LEU B 62 -3.32 -14.70 10.38
C LEU B 62 -1.95 -14.76 11.08
N LEU B 63 -1.71 -13.85 12.01
CA LEU B 63 -0.47 -13.84 12.78
C LEU B 63 -0.31 -15.10 13.63
N GLU B 64 -1.43 -15.53 14.23
CA GLU B 64 -1.46 -16.75 15.04
C GLU B 64 -1.15 -17.98 14.17
N LYS B 65 -1.60 -17.95 12.92
CA LYS B 65 -1.43 -19.07 12.00
C LYS B 65 -0.08 -19.04 11.25
N GLY B 66 0.72 -18.01 11.51
CA GLY B 66 2.08 -17.91 10.99
C GLY B 66 2.18 -17.41 9.56
N PHE B 67 1.27 -16.52 9.18
CA PHE B 67 1.22 -15.98 7.83
C PHE B 67 2.08 -14.74 7.67
N LYS B 68 2.71 -14.64 6.51
CA LYS B 68 3.48 -13.49 6.11
C LYS B 68 3.32 -13.37 4.59
N PHE B 69 3.04 -12.17 4.10
CA PHE B 69 2.79 -11.99 2.67
C PHE B 69 3.90 -11.23 1.99
N ASP B 70 4.12 -11.56 0.72
CA ASP B 70 5.16 -10.95 -0.09
C ASP B 70 4.52 -9.88 -0.95
N VAL B 71 3.22 -10.04 -1.19
CA VAL B 71 2.43 -9.08 -1.94
C VAL B 71 0.95 -9.23 -1.58
N VAL B 72 0.25 -8.11 -1.60
CA VAL B 72 -1.20 -8.08 -1.47
C VAL B 72 -1.78 -7.40 -2.70
N TYR B 73 -2.76 -8.05 -3.32
CA TYR B 73 -3.60 -7.40 -4.32
C TYR B 73 -4.93 -7.00 -3.73
N THR B 74 -5.28 -5.74 -3.95
CA THR B 74 -6.52 -5.23 -3.47
C THR B 74 -7.20 -4.42 -4.57
N SER B 75 -8.39 -3.91 -4.28
CA SER B 75 -9.12 -3.07 -5.22
C SER B 75 -8.70 -1.61 -5.08
N VAL B 76 -9.40 -0.72 -5.78
CA VAL B 76 -9.19 0.72 -5.60
C VAL B 76 -10.20 1.33 -4.61
N LEU B 77 -10.97 0.48 -3.95
CA LEU B 77 -12.03 0.95 -3.05
C LEU B 77 -11.52 1.00 -1.62
N LYS B 78 -11.67 2.16 -0.98
CA LYS B 78 -11.08 2.39 0.33
C LYS B 78 -11.37 1.36 1.43
N ARG B 79 -12.56 0.74 1.40
CA ARG B 79 -12.91 -0.29 2.41
C ARG B 79 -12.03 -1.54 2.35
N ALA B 80 -11.64 -1.93 1.13
CA ALA B 80 -10.73 -3.05 0.95
C ALA B 80 -9.29 -2.62 1.23
N ILE B 81 -8.91 -1.43 0.78
CA ILE B 81 -7.56 -0.89 1.01
C ILE B 81 -7.31 -0.68 2.53
N MET B 82 -8.29 -0.08 3.22
CA MET B 82 -8.19 0.08 4.67
C MET B 82 -8.16 -1.28 5.40
N THR B 83 -8.93 -2.25 4.90
CA THR B 83 -8.87 -3.60 5.45
C THR B 83 -7.45 -4.15 5.32
N THR B 84 -6.86 -3.95 4.15
CA THR B 84 -5.49 -4.43 3.88
C THR B 84 -4.46 -3.81 4.85
N TRP B 85 -4.51 -2.51 5.02
CA TRP B 85 -3.55 -1.78 5.86
C TRP B 85 -3.70 -2.22 7.31
N THR B 86 -4.96 -2.37 7.74
CA THR B 86 -5.28 -2.82 9.11
C THR B 86 -4.76 -4.24 9.35
N VAL B 87 -5.05 -5.16 8.43
CA VAL B 87 -4.57 -6.55 8.53
C VAL B 87 -3.03 -6.60 8.62
N LEU B 88 -2.37 -5.81 7.77
CA LEU B 88 -0.90 -5.83 7.67
C LEU B 88 -0.22 -5.29 8.92
N LYS B 89 -0.80 -4.23 9.47
CA LYS B 89 -0.38 -3.70 10.77
C LYS B 89 -0.47 -4.77 11.86
N GLU B 90 -1.60 -5.47 11.94
CA GLU B 90 -1.76 -6.54 12.94
C GLU B 90 -0.83 -7.71 12.69
N LEU B 91 -0.49 -7.96 11.43
CA LEU B 91 0.46 -9.02 11.06
C LEU B 91 1.92 -8.67 11.29
N GLY B 92 2.20 -7.42 11.64
CA GLY B 92 3.58 -6.92 11.63
C GLY B 92 4.23 -7.09 10.25
N ASN B 93 3.48 -6.75 9.20
CA ASN B 93 3.82 -7.01 7.80
C ASN B 93 3.56 -5.75 6.96
N ILE B 94 3.71 -4.60 7.61
CA ILE B 94 3.47 -3.28 7.00
C ILE B 94 4.32 -3.03 5.75
N ASN B 95 5.48 -3.69 5.70
CA ASN B 95 6.44 -3.53 4.61
C ASN B 95 5.98 -4.20 3.31
N CYS B 96 4.96 -5.05 3.41
CA CYS B 96 4.44 -5.79 2.26
C CYS B 96 3.91 -4.88 1.14
N PRO B 97 4.46 -5.03 -0.09
CA PRO B 97 3.94 -4.28 -1.23
C PRO B 97 2.43 -4.48 -1.44
N ILE B 98 1.72 -3.40 -1.69
CA ILE B 98 0.31 -3.46 -1.95
C ILE B 98 0.04 -2.92 -3.33
N ILE B 99 -0.69 -3.69 -4.12
CA ILE B 99 -1.04 -3.27 -5.45
C ILE B 99 -2.55 -3.18 -5.53
N ASN B 100 -3.06 -1.96 -5.77
CA ASN B 100 -4.48 -1.69 -5.97
C ASN B 100 -4.84 -1.83 -7.45
N HIS B 101 -5.98 -2.45 -7.76
CA HIS B 101 -6.50 -2.46 -9.14
C HIS B 101 -8.03 -2.52 -9.20
N TRP B 102 -8.64 -1.74 -10.08
CA TRP B 102 -10.09 -1.74 -10.24
C TRP B 102 -10.67 -3.13 -10.58
N ARG B 103 -9.89 -4.01 -11.21
CA ARG B 103 -10.41 -5.33 -11.62
C ARG B 103 -10.82 -6.20 -10.43
N LEU B 104 -10.33 -5.85 -9.23
CA LEU B 104 -10.72 -6.53 -8.00
C LEU B 104 -11.90 -5.85 -7.25
N ASN B 105 -12.42 -4.77 -7.82
CA ASN B 105 -13.58 -4.06 -7.28
C ASN B 105 -14.77 -4.99 -7.09
N GLU B 106 -15.64 -4.60 -6.15
CA GLU B 106 -16.95 -5.23 -6.01
C GLU B 106 -17.69 -5.18 -7.34
N ARG B 107 -18.56 -6.16 -7.56
CA ARG B 107 -19.48 -6.13 -8.70
C ARG B 107 -20.23 -4.80 -8.71
N HIS B 108 -20.38 -4.20 -9.88
CA HIS B 108 -21.15 -2.99 -10.00
C HIS B 108 -22.65 -3.31 -9.90
N TYR B 109 -23.39 -2.49 -9.12
CA TYR B 109 -24.82 -2.72 -8.90
C TYR B 109 -25.75 -1.77 -9.68
N GLY B 110 -25.17 -1.01 -10.61
CA GLY B 110 -25.95 -0.17 -11.52
C GLY B 110 -26.78 0.87 -10.80
N ALA B 111 -28.04 1.01 -11.22
CA ALA B 111 -28.96 1.97 -10.62
C ALA B 111 -29.47 1.60 -9.21
N LEU B 112 -29.11 0.41 -8.74
CA LEU B 112 -29.42 -0.03 -7.37
C LEU B 112 -28.44 0.53 -6.34
N GLN B 113 -27.28 0.98 -6.81
CA GLN B 113 -26.26 1.54 -5.93
C GLN B 113 -26.85 2.72 -5.14
N GLY B 114 -26.70 2.66 -3.81
CA GLY B 114 -27.16 3.73 -2.92
C GLY B 114 -28.52 3.54 -2.30
N LEU B 115 -29.28 2.57 -2.81
CA LEU B 115 -30.67 2.40 -2.41
C LEU B 115 -30.87 1.41 -1.26
N ASN B 116 -31.82 1.75 -0.38
CA ASN B 116 -32.34 0.90 0.70
C ASN B 116 -33.20 -0.24 0.18
N LYS B 117 -33.87 -0.92 1.11
CA LYS B 117 -34.94 -1.85 0.72
C LYS B 117 -36.30 -1.17 0.72
N SER B 118 -36.36 0.04 1.25
CA SER B 118 -37.53 0.92 1.12
C SER B 118 -37.38 1.79 -0.14
N GLU B 119 -36.16 2.24 -0.41
CA GLU B 119 -35.87 3.03 -1.60
C GLU B 119 -35.97 2.22 -2.91
N THR B 120 -35.47 0.99 -2.92
CA THR B 120 -35.51 0.13 -4.11
C THR B 120 -36.93 -0.35 -4.43
N ALA B 121 -37.68 -0.71 -3.40
CA ALA B 121 -39.06 -1.18 -3.55
C ALA B 121 -39.97 -0.09 -4.13
N SER B 122 -39.63 1.18 -3.85
CA SER B 122 -40.32 2.34 -4.38
C SER B 122 -39.95 2.64 -5.84
N LYS B 123 -38.66 2.61 -6.14
CA LYS B 123 -38.14 2.92 -7.48
C LYS B 123 -38.41 1.80 -8.48
N PHE B 124 -38.27 0.56 -8.03
CA PHE B 124 -38.37 -0.61 -8.90
C PHE B 124 -39.47 -1.59 -8.43
N GLY B 125 -39.41 -2.82 -8.93
CA GLY B 125 -40.39 -3.85 -8.55
C GLY B 125 -39.72 -5.05 -7.92
N GLU B 126 -40.48 -5.81 -7.13
CA GLU B 126 -39.93 -6.95 -6.38
C GLU B 126 -39.51 -8.15 -7.24
N ASP B 127 -40.14 -8.32 -8.40
CA ASP B 127 -39.73 -9.36 -9.35
C ASP B 127 -38.30 -9.13 -9.87
N GLN B 128 -38.10 -8.01 -10.55
CA GLN B 128 -36.82 -7.66 -11.19
C GLN B 128 -35.66 -7.47 -10.20
N VAL B 129 -35.97 -6.98 -9.00
CA VAL B 129 -34.96 -6.76 -7.95
C VAL B 129 -34.34 -8.08 -7.48
N LYS B 130 -35.19 -9.10 -7.30
CA LYS B 130 -34.74 -10.43 -6.87
C LYS B 130 -33.73 -11.02 -7.86
N ILE B 131 -34.03 -10.92 -9.15
CA ILE B 131 -33.17 -11.40 -10.22
C ILE B 131 -31.84 -10.64 -10.26
N TRP B 132 -31.91 -9.31 -10.14
CA TRP B 132 -30.72 -8.46 -10.15
C TRP B 132 -29.72 -8.84 -9.06
N ARG B 133 -30.23 -9.35 -7.94
CA ARG B 133 -29.39 -9.67 -6.79
C ARG B 133 -28.88 -11.11 -6.86
N ARG B 134 -29.69 -11.98 -7.44
CA ARG B 134 -29.46 -13.43 -7.37
C ARG B 134 -28.89 -14.08 -8.64
N SER B 135 -29.22 -13.54 -9.81
CA SER B 135 -28.84 -14.14 -11.09
C SER B 135 -27.35 -14.05 -11.43
N PHE B 136 -26.91 -14.90 -12.36
CA PHE B 136 -25.54 -14.89 -12.84
C PHE B 136 -25.34 -13.96 -14.04
N ASP B 137 -26.32 -13.95 -14.94
CA ASP B 137 -26.19 -13.28 -16.22
C ASP B 137 -27.18 -12.14 -16.48
N VAL B 138 -27.96 -11.75 -15.48
CA VAL B 138 -28.94 -10.65 -15.62
C VAL B 138 -28.56 -9.47 -14.71
N PRO B 139 -28.14 -8.34 -15.32
CA PRO B 139 -27.65 -7.20 -14.53
C PRO B 139 -28.77 -6.27 -14.05
N PRO B 140 -28.50 -5.47 -12.99
CA PRO B 140 -29.32 -4.32 -12.61
C PRO B 140 -29.37 -3.26 -13.71
N PRO B 141 -30.36 -2.33 -13.66
CA PRO B 141 -30.40 -1.33 -14.74
C PRO B 141 -29.17 -0.44 -14.78
N VAL B 142 -28.93 0.11 -15.95
CA VAL B 142 -27.74 0.88 -16.28
C VAL B 142 -27.75 2.28 -15.69
N LEU B 143 -26.60 2.72 -15.19
CA LEU B 143 -26.40 4.14 -14.88
C LEU B 143 -26.26 4.96 -16.17
N GLU B 144 -26.95 6.09 -16.24
CA GLU B 144 -26.70 7.06 -17.30
C GLU B 144 -25.39 7.76 -16.96
N LYS B 145 -24.61 8.14 -17.98
CA LYS B 145 -23.31 8.78 -17.77
C LYS B 145 -23.43 10.10 -17.00
N SER B 146 -24.58 10.77 -17.14
CA SER B 146 -24.89 12.01 -16.43
C SER B 146 -25.14 11.82 -14.93
N ASP B 147 -25.55 10.60 -14.56
CA ASP B 147 -25.78 10.22 -13.15
C ASP B 147 -24.48 10.38 -12.37
N PRO B 148 -24.52 11.11 -11.23
CA PRO B 148 -23.31 11.31 -10.43
C PRO B 148 -22.64 10.00 -9.99
N ARG B 149 -23.41 8.91 -9.97
CA ARG B 149 -22.93 7.60 -9.54
C ARG B 149 -22.02 6.91 -10.58
N TRP B 150 -22.08 7.36 -11.83
CA TRP B 150 -21.29 6.78 -12.93
C TRP B 150 -19.79 6.88 -12.65
N PRO B 151 -19.07 5.74 -12.72
CA PRO B 151 -17.63 5.64 -12.40
C PRO B 151 -16.72 6.60 -13.18
N GLY B 152 -17.13 7.00 -14.38
CA GLY B 152 -16.39 7.97 -15.17
C GLY B 152 -16.27 9.35 -14.53
N ASN B 153 -17.03 9.57 -13.45
CA ASN B 153 -17.02 10.83 -12.70
C ASN B 153 -15.91 10.94 -11.65
N GLU B 154 -15.37 9.79 -11.24
CA GLU B 154 -14.40 9.72 -10.14
C GLU B 154 -12.94 9.87 -10.60
N LEU B 155 -12.18 10.67 -9.87
CA LEU B 155 -10.77 10.95 -10.18
C LEU B 155 -9.86 9.72 -10.10
N ILE B 156 -10.30 8.71 -9.37
CA ILE B 156 -9.55 7.47 -9.18
C ILE B 156 -9.45 6.67 -10.50
N TYR B 157 -10.43 6.87 -11.39
CA TYR B 157 -10.47 6.18 -12.68
C TYR B 157 -10.01 7.05 -13.85
N LYS B 158 -9.44 8.23 -13.55
CA LYS B 158 -9.12 9.23 -14.56
C LYS B 158 -8.47 8.66 -15.84
N GLY B 159 -7.37 7.94 -15.67
CA GLY B 159 -6.58 7.44 -16.79
C GLY B 159 -6.87 6.01 -17.20
N ILE B 160 -8.01 5.48 -16.76
CA ILE B 160 -8.45 4.14 -17.15
C ILE B 160 -9.23 4.18 -18.46
N CYS B 161 -8.90 3.25 -19.34
CA CYS B 161 -9.65 3.04 -20.58
C CYS B 161 -11.17 3.03 -20.32
N PRO B 162 -11.90 3.99 -20.93
CA PRO B 162 -13.34 4.15 -20.70
C PRO B 162 -14.19 2.86 -20.77
N SER B 163 -13.87 1.96 -21.70
CA SER B 163 -14.62 0.71 -21.85
C SER B 163 -14.59 -0.17 -20.60
N CYS B 164 -13.61 0.06 -19.74
CA CYS B 164 -13.46 -0.70 -18.49
C CYS B 164 -14.51 -0.33 -17.45
N LEU B 165 -15.00 0.91 -17.51
CA LEU B 165 -15.89 1.46 -16.47
C LEU B 165 -17.36 1.10 -16.71
N PRO B 166 -17.91 0.16 -15.90
CA PRO B 166 -19.26 -0.34 -16.14
C PRO B 166 -20.37 0.61 -15.67
N THR B 167 -21.51 0.53 -16.34
CA THR B 167 -22.71 1.26 -15.94
C THR B 167 -23.60 0.31 -15.12
N THR B 168 -23.20 -0.95 -15.12
CA THR B 168 -23.88 -2.04 -14.40
C THR B 168 -23.10 -3.34 -14.61
N GLU B 169 -23.30 -4.31 -13.71
CA GLU B 169 -22.66 -5.62 -13.84
CA GLU B 169 -22.66 -5.62 -13.82
C GLU B 169 -23.54 -6.72 -13.27
N CYS B 170 -23.57 -7.86 -13.95
CA CYS B 170 -24.09 -9.08 -13.39
C CYS B 170 -22.83 -9.81 -12.93
N LEU B 171 -22.96 -10.95 -12.26
CA LEU B 171 -21.79 -11.70 -11.82
C LEU B 171 -20.93 -12.17 -13.00
N LYS B 172 -21.59 -12.56 -14.10
CA LYS B 172 -20.89 -12.94 -15.34
C LYS B 172 -19.88 -11.88 -15.76
N ASP B 173 -20.36 -10.63 -15.91
CA ASP B 173 -19.50 -9.46 -16.16
C ASP B 173 -18.29 -9.35 -15.21
N THR B 174 -18.51 -9.52 -13.91
CA THR B 174 -17.46 -9.43 -12.92
C THR B 174 -16.39 -10.50 -13.17
N VAL B 175 -16.84 -11.73 -13.39
CA VAL B 175 -15.95 -12.86 -13.71
C VAL B 175 -15.06 -12.52 -14.92
N GLU B 176 -15.69 -12.00 -15.97
CA GLU B 176 -15.00 -11.69 -17.22
C GLU B 176 -13.92 -10.60 -17.06
N ARG B 177 -14.15 -9.63 -16.18
CA ARG B 177 -13.11 -8.62 -15.94
C ARG B 177 -12.10 -8.98 -14.85
N VAL B 178 -12.45 -9.91 -13.97
CA VAL B 178 -11.51 -10.43 -12.96
C VAL B 178 -10.52 -11.41 -13.61
N LYS B 179 -11.03 -12.27 -14.50
CA LYS B 179 -10.25 -13.34 -15.15
C LYS B 179 -8.84 -12.94 -15.68
N PRO B 180 -8.76 -11.93 -16.59
CA PRO B 180 -7.45 -11.53 -17.10
C PRO B 180 -6.53 -10.93 -16.04
N TYR B 181 -7.11 -10.38 -14.95
CA TYR B 181 -6.29 -9.88 -13.86
C TYR B 181 -5.63 -11.03 -13.09
N PHE B 182 -6.38 -12.09 -12.81
CA PHE B 182 -5.75 -13.31 -12.28
C PHE B 182 -4.72 -13.89 -13.27
N GLU B 183 -5.12 -14.01 -14.54
CA GLU B 183 -4.26 -14.61 -15.55
C GLU B 183 -2.90 -13.91 -15.68
N ASP B 184 -2.92 -12.58 -15.83
CA ASP B 184 -1.71 -11.83 -16.20
C ASP B 184 -0.94 -11.18 -15.05
N VAL B 185 -1.60 -11.05 -13.89
CA VAL B 185 -1.00 -10.34 -12.75
C VAL B 185 -0.83 -11.21 -11.52
N ILE B 186 -1.94 -11.78 -11.02
CA ILE B 186 -1.90 -12.60 -9.80
C ILE B 186 -1.25 -13.97 -10.04
N ALA B 187 -1.62 -14.62 -11.15
CA ALA B 187 -1.04 -15.92 -11.47
C ALA B 187 0.51 -15.95 -11.50
N PRO B 188 1.15 -14.99 -12.23
CA PRO B 188 2.62 -14.92 -12.26
C PRO B 188 3.27 -14.73 -10.89
N SER B 189 2.66 -13.93 -10.02
CA SER B 189 3.14 -13.77 -8.65
C SER B 189 3.15 -15.08 -7.90
N ILE B 190 2.04 -15.82 -8.01
CA ILE B 190 1.93 -17.15 -7.42
C ILE B 190 3.00 -18.11 -7.97
N MET B 191 3.12 -18.16 -9.29
CA MET B 191 4.07 -19.07 -9.93
C MET B 191 5.52 -18.71 -9.60
N SER B 192 5.77 -17.43 -9.25
CA SER B 192 7.10 -16.95 -8.82
C SER B 192 7.52 -17.49 -7.45
N GLY B 193 6.57 -18.08 -6.72
CA GLY B 193 6.80 -18.50 -5.35
C GLY B 193 6.42 -17.48 -4.28
N LYS B 194 5.81 -16.37 -4.69
CA LYS B 194 5.38 -15.35 -3.73
C LYS B 194 4.22 -15.81 -2.85
N SER B 195 4.20 -15.32 -1.62
CA SER B 195 3.07 -15.50 -0.71
C SER B 195 2.09 -14.36 -0.95
N VAL B 196 0.93 -14.69 -1.49
CA VAL B 196 0.00 -13.70 -2.01
C VAL B 196 -1.31 -13.66 -1.22
N LEU B 197 -1.72 -12.45 -0.86
CA LEU B 197 -3.06 -12.23 -0.29
C LEU B 197 -3.86 -11.45 -1.31
N VAL B 198 -5.10 -11.85 -1.52
CA VAL B 198 -6.05 -11.01 -2.24
C VAL B 198 -7.09 -10.46 -1.26
N SER B 199 -7.10 -9.13 -1.10
CA SER B 199 -7.99 -8.46 -0.17
C SER B 199 -9.00 -7.65 -0.98
N ALA B 200 -10.24 -8.13 -1.03
CA ALA B 200 -11.22 -7.55 -1.94
C ALA B 200 -12.63 -7.67 -1.40
N HIS B 201 -13.56 -8.11 -2.25
CA HIS B 201 -15.00 -7.99 -1.98
C HIS B 201 -15.73 -9.30 -2.27
N GLY B 202 -16.98 -9.39 -1.79
CA GLY B 202 -17.82 -10.57 -1.98
C GLY B 202 -17.85 -11.12 -3.40
N ASN B 203 -18.24 -10.27 -4.35
CA ASN B 203 -18.40 -10.71 -5.73
C ASN B 203 -17.10 -10.89 -6.52
N SER B 204 -16.09 -10.06 -6.23
CA SER B 204 -14.72 -10.21 -6.74
C SER B 204 -14.10 -11.55 -6.35
N LEU B 205 -14.24 -11.89 -5.07
CA LEU B 205 -13.71 -13.15 -4.57
C LEU B 205 -14.49 -14.37 -5.08
N ARG B 206 -15.81 -14.26 -5.18
CA ARG B 206 -16.64 -15.33 -5.79
C ARG B 206 -16.29 -15.54 -7.26
N ALA B 207 -16.06 -14.46 -7.99
CA ALA B 207 -15.52 -14.52 -9.36
C ALA B 207 -14.23 -15.35 -9.42
N LEU B 208 -13.30 -15.08 -8.51
CA LEU B 208 -12.07 -15.86 -8.41
C LEU B 208 -12.31 -17.33 -8.11
N LEU B 209 -13.24 -17.62 -7.19
CA LEU B 209 -13.61 -19.01 -6.87
C LEU B 209 -14.28 -19.72 -8.04
N TYR B 210 -15.10 -18.99 -8.77
CA TYR B 210 -15.75 -19.50 -9.97
C TYR B 210 -14.69 -19.95 -11.00
N LEU B 211 -13.69 -19.11 -11.23
CA LEU B 211 -12.61 -19.41 -12.17
C LEU B 211 -11.69 -20.53 -11.69
N LEU B 212 -11.19 -20.40 -10.47
CA LEU B 212 -10.16 -21.32 -9.94
C LEU B 212 -10.68 -22.72 -9.57
N GLU B 213 -11.98 -22.83 -9.34
CA GLU B 213 -12.58 -24.13 -9.04
C GLU B 213 -13.29 -24.70 -10.26
N GLY B 214 -13.36 -23.91 -11.33
CA GLY B 214 -14.02 -24.32 -12.57
C GLY B 214 -15.49 -24.62 -12.33
N MET B 215 -16.18 -23.71 -11.64
CA MET B 215 -17.57 -23.92 -11.27
C MET B 215 -18.53 -23.65 -12.42
N THR B 216 -19.73 -24.21 -12.28
CA THR B 216 -20.86 -23.84 -13.11
C THR B 216 -21.42 -22.51 -12.58
N PRO B 217 -22.14 -21.74 -13.43
CA PRO B 217 -22.77 -20.51 -12.95
C PRO B 217 -23.78 -20.77 -11.81
N GLU B 218 -24.39 -21.96 -11.81
CA GLU B 218 -25.29 -22.40 -10.74
C GLU B 218 -24.53 -22.65 -9.42
N GLN B 219 -23.36 -23.29 -9.53
CA GLN B 219 -22.52 -23.66 -8.39
C GLN B 219 -22.08 -22.46 -7.54
N ILE B 220 -21.74 -21.36 -8.22
CA ILE B 220 -21.22 -20.16 -7.56
C ILE B 220 -22.33 -19.25 -7.01
N LEU B 221 -23.54 -19.40 -7.57
CA LEU B 221 -24.67 -18.62 -7.08
C LEU B 221 -25.08 -19.05 -5.67
N GLU B 222 -24.75 -20.28 -5.29
CA GLU B 222 -25.01 -20.82 -3.94
C GLU B 222 -23.87 -20.58 -2.95
N VAL B 223 -22.77 -20.00 -3.43
CA VAL B 223 -21.58 -19.78 -2.60
C VAL B 223 -21.62 -18.43 -1.88
N ASN B 224 -21.47 -18.49 -0.55
CA ASN B 224 -21.34 -17.29 0.26
C ASN B 224 -19.98 -17.25 0.97
N ILE B 225 -19.31 -16.11 0.88
CA ILE B 225 -18.02 -15.90 1.54
C ILE B 225 -18.24 -15.04 2.78
N PRO B 226 -17.87 -15.56 3.97
CA PRO B 226 -18.03 -14.78 5.20
C PRO B 226 -17.06 -13.61 5.22
N THR B 227 -17.46 -12.53 5.88
CA THR B 227 -16.65 -11.31 5.93
C THR B 227 -15.46 -11.46 6.87
N ALA B 228 -14.35 -10.83 6.50
CA ALA B 228 -13.13 -10.75 7.32
C ALA B 228 -12.71 -12.10 7.90
N CYS B 229 -12.78 -13.11 7.05
CA CYS B 229 -12.51 -14.50 7.41
C CYS B 229 -11.59 -15.05 6.31
N PRO B 230 -10.27 -15.16 6.60
CA PRO B 230 -9.31 -15.55 5.57
C PRO B 230 -9.64 -16.92 5.00
N LEU B 231 -9.69 -17.00 3.67
CA LEU B 231 -9.95 -18.26 2.98
C LEU B 231 -8.68 -18.69 2.24
N VAL B 232 -8.15 -19.84 2.64
CA VAL B 232 -6.91 -20.38 2.08
C VAL B 232 -7.24 -21.37 0.97
N LEU B 233 -6.71 -21.10 -0.24
CA LEU B 233 -6.84 -22.02 -1.36
C LEU B 233 -5.51 -22.70 -1.63
N GLU B 234 -5.50 -24.03 -1.66
CA GLU B 234 -4.37 -24.77 -2.18
C GLU B 234 -4.62 -25.02 -3.67
N LEU B 235 -3.58 -24.82 -4.48
CA LEU B 235 -3.71 -24.82 -5.95
C LEU B 235 -2.82 -25.86 -6.65
N ASP B 236 -3.29 -26.33 -7.81
CA ASP B 236 -2.56 -27.22 -8.72
C ASP B 236 -1.32 -26.61 -9.34
N ASP B 237 -0.62 -27.41 -10.13
CA ASP B 237 0.32 -26.90 -11.14
C ASP B 237 -0.42 -26.02 -12.15
N TYR B 238 -1.72 -26.31 -12.33
CA TYR B 238 -2.59 -25.62 -13.27
C TYR B 238 -3.30 -24.41 -12.65
N LEU B 239 -3.03 -24.17 -11.37
CA LEU B 239 -3.65 -23.09 -10.60
C LEU B 239 -5.17 -23.29 -10.48
N LYS B 240 -5.56 -24.56 -10.40
CA LYS B 240 -6.92 -24.92 -10.06
C LYS B 240 -6.94 -25.42 -8.62
N VAL B 241 -8.03 -25.16 -7.92
CA VAL B 241 -8.18 -25.53 -6.53
C VAL B 241 -8.19 -27.05 -6.31
N THR B 242 -7.28 -27.51 -5.47
CA THR B 242 -7.29 -28.89 -4.98
C THR B 242 -8.12 -28.99 -3.69
N LYS B 243 -7.88 -28.06 -2.75
CA LYS B 243 -8.66 -27.93 -1.53
C LYS B 243 -8.70 -26.51 -0.97
N LYS B 244 -9.70 -26.23 -0.15
CA LYS B 244 -9.87 -24.90 0.45
C LYS B 244 -10.39 -25.01 1.88
N TYR B 245 -9.95 -24.06 2.73
CA TYR B 245 -10.37 -23.99 4.12
C TYR B 245 -10.25 -22.58 4.69
N TYR B 246 -11.16 -22.25 5.59
CA TYR B 246 -11.12 -21.00 6.34
C TYR B 246 -10.26 -21.17 7.58
N LEU B 247 -9.76 -20.07 8.12
CA LEU B 247 -8.91 -20.16 9.31
C LEU B 247 -9.71 -20.30 10.60
N ILE B 248 -10.92 -19.74 10.62
CA ILE B 248 -11.85 -19.82 11.76
C ILE B 248 -11.80 -21.15 12.50
N GLU B 250 -13.91 -23.76 13.47
CA GLU B 250 -15.32 -23.98 13.12
C GLU B 250 -16.22 -22.97 13.82
N GLU B 251 -16.30 -21.77 13.25
CA GLU B 251 -17.09 -20.67 13.82
C GLU B 251 -17.85 -19.93 12.73
#